data_9NJG
#
_entry.id   9NJG
#
_cell.length_a   67.731
_cell.length_b   67.654
_cell.length_c   138.695
_cell.angle_alpha   90.000
_cell.angle_beta   90.000
_cell.angle_gamma   90.000
#
_symmetry.space_group_name_H-M   'P 21 21 21'
#
loop_
_entity.id
_entity.type
_entity.pdbx_description
1 polymer 'Guanine-N7 methyltransferase nsp14'
2 non-polymer 'ZINC ION'
3 non-polymer 'PHOSPHATE ION'
4 non-polymer N-[(4-cyclopropyl-1,3-thiazol-2-yl)methyl]-1H-pyrazolo[3,4-b]pyridine-3-carboxamide
5 water water
#
_entity_poly.entity_id   1
_entity_poly.type   'polypeptide(L)'
_entity_poly.pdbx_seq_one_letter_code
;SMLFKDCSKVITGLHPTQAPTHLSVDTKFKTEGLCVDIPGIPKDMTYRRLISMMGFKMNYQVNGYPNMFITREEAIRHVR
AWIGFDVEGCHATREAVGTNLPLQLGFSTGVNLVAVPTGYVDTPNNTDFSRVSAKPPPGDQFKHLIPLMYKGLPWNVVRI
KIVQMLSDTLKNLSDRVVFVLWAHGFELTSMKYFVKIGPERTCCLCDRRATCFSTASDTYACWHHSIGFDYVYNPFMIDV
QQWGFTGNLQSNHDLYCQVHGNAHVASCDAIMTRCLAVHECFVKRVDWTIEYPIIGDELKINAACRKVQHMVVKAALLAD
KFPVLHDIGNPKAIKCVPQADVEWKFYDAQPCSDKAYKIEELFYSYATHSDKFTDGVCLFWNCNVDRYPANSIVCRFDTR
VLSNLNLPGCDGGSLYVNKHAFHTPAFDKSAFVNLKQLPFFYYSDSPCESHGKQVVSDIDYVPLKSATCITRCNLGGAVC
RHHANEYRLYLDAYNMMISAGFSLWVYKQFDTYNLWNTFTRLQ
;
_entity_poly.pdbx_strand_id   A
#
loop_
_chem_comp.id
_chem_comp.type
_chem_comp.name
_chem_comp.formula
A1BYT non-polymer N-[(4-cyclopropyl-1,3-thiazol-2-yl)methyl]-1H-pyrazolo[3,4-b]pyridine-3-carboxamide 'C14 H13 N5 O S'
PO4 non-polymer 'PHOSPHATE ION' 'O4 P -3'
ZN non-polymer 'ZINC ION' 'Zn 2'
#
# COMPACT_ATOMS: atom_id res chain seq x y z
N LEU A 23 -5.94 -5.23 -24.12
CA LEU A 23 -7.30 -4.72 -24.39
C LEU A 23 -7.44 -4.26 -25.82
N SER A 24 -8.26 -4.99 -26.60
CA SER A 24 -8.38 -4.72 -28.02
C SER A 24 -8.91 -3.31 -28.25
N VAL A 25 -8.27 -2.59 -29.17
CA VAL A 25 -8.86 -1.29 -29.51
C VAL A 25 -10.25 -1.40 -30.13
N ASP A 26 -10.66 -2.59 -30.61
CA ASP A 26 -12.00 -2.76 -31.18
C ASP A 26 -13.08 -3.07 -30.14
N THR A 27 -12.71 -3.25 -28.85
CA THR A 27 -13.68 -3.41 -27.78
C THR A 27 -14.60 -2.21 -27.73
N LYS A 28 -15.85 -2.45 -27.33
CA LYS A 28 -16.84 -1.37 -27.26
C LYS A 28 -16.64 -0.58 -25.98
N PHE A 29 -16.80 0.74 -26.10
CA PHE A 29 -16.79 1.69 -24.99
C PHE A 29 -18.22 2.22 -24.79
N LYS A 30 -18.77 2.03 -23.58
CA LYS A 30 -20.09 2.55 -23.25
C LYS A 30 -20.01 4.07 -23.10
N THR A 31 -20.80 4.81 -23.87
CA THR A 31 -20.56 6.24 -23.98
C THR A 31 -21.60 7.10 -23.29
N GLU A 32 -22.57 6.51 -22.56
CA GLU A 32 -23.63 7.29 -21.91
C GLU A 32 -23.06 8.28 -20.90
N GLY A 33 -22.03 7.89 -20.16
CA GLY A 33 -21.41 8.83 -19.23
C GLY A 33 -20.81 10.06 -19.89
N LEU A 34 -20.57 10.02 -21.20
CA LEU A 34 -19.94 11.17 -21.86
C LEU A 34 -20.93 12.15 -22.49
N CYS A 35 -22.22 11.81 -22.57
CA CYS A 35 -23.06 12.57 -23.49
C CYS A 35 -23.52 13.92 -22.96
N VAL A 36 -23.17 14.28 -21.72
CA VAL A 36 -23.51 15.64 -21.29
C VAL A 36 -22.39 16.61 -21.67
N ASP A 37 -21.14 16.18 -21.57
CA ASP A 37 -20.05 17.00 -22.09
C ASP A 37 -19.93 16.91 -23.61
N ILE A 38 -20.30 15.78 -24.18
CA ILE A 38 -20.25 15.57 -25.64
C ILE A 38 -21.64 15.18 -26.11
N PRO A 39 -22.57 16.13 -26.22
CA PRO A 39 -23.91 15.82 -26.75
C PRO A 39 -23.84 15.29 -28.16
N GLY A 40 -24.57 14.21 -28.40
CA GLY A 40 -24.66 13.64 -29.72
C GLY A 40 -23.70 12.50 -29.96
N ILE A 41 -22.95 12.11 -28.95
CA ILE A 41 -21.91 11.11 -29.15
C ILE A 41 -22.56 9.79 -29.54
N PRO A 42 -22.03 9.11 -30.55
CA PRO A 42 -22.57 7.80 -30.91
C PRO A 42 -22.65 6.88 -29.69
N LYS A 43 -23.71 6.07 -29.65
CA LYS A 43 -23.83 5.03 -28.64
C LYS A 43 -22.94 3.84 -28.98
N ASP A 44 -22.79 3.55 -30.28
CA ASP A 44 -21.83 2.57 -30.77
C ASP A 44 -20.46 3.23 -30.90
N MET A 45 -19.49 2.76 -30.14
CA MET A 45 -18.18 3.40 -30.06
C MET A 45 -17.17 2.34 -29.65
N THR A 46 -16.04 2.28 -30.35
CA THR A 46 -14.91 1.44 -29.96
C THR A 46 -13.83 2.31 -29.32
N TYR A 47 -12.87 1.66 -28.67
CA TYR A 47 -11.72 2.42 -28.18
C TYR A 47 -10.99 3.08 -29.36
N ARG A 48 -10.81 2.35 -30.46
CA ARG A 48 -10.16 2.92 -31.63
C ARG A 48 -10.77 4.27 -32.00
N ARG A 49 -12.09 4.34 -32.10
CA ARG A 49 -12.73 5.59 -32.47
C ARG A 49 -12.65 6.65 -31.37
N LEU A 50 -12.77 6.24 -30.11
CA LEU A 50 -12.60 7.21 -29.03
C LEU A 50 -11.18 7.79 -29.00
N ILE A 51 -10.17 6.97 -29.25
CA ILE A 51 -8.82 7.52 -29.18
C ILE A 51 -8.58 8.52 -30.31
N SER A 52 -9.08 8.19 -31.51
CA SER A 52 -9.07 9.11 -32.63
C SER A 52 -9.77 10.42 -32.29
N MET A 53 -10.89 10.33 -31.56
CA MET A 53 -11.68 11.52 -31.22
C MET A 53 -10.98 12.29 -30.11
N MET A 54 -10.13 11.60 -29.33
CA MET A 54 -9.33 12.32 -28.33
C MET A 54 -8.16 13.04 -28.99
N GLY A 55 -7.96 12.87 -30.31
CA GLY A 55 -6.92 13.58 -31.03
C GLY A 55 -5.61 12.86 -31.18
N PHE A 56 -5.55 11.57 -30.88
CA PHE A 56 -4.33 10.78 -31.03
C PHE A 56 -4.32 9.86 -32.25
N TYR A 65 2.76 -0.52 -27.00
CA TYR A 65 1.60 0.39 -26.82
C TYR A 65 0.42 0.20 -27.81
N PRO A 66 -0.30 -0.92 -27.65
CA PRO A 66 -1.42 -1.19 -28.53
C PRO A 66 -2.67 -0.37 -28.23
N ASN A 67 -2.83 0.13 -27.01
CA ASN A 67 -4.05 0.82 -26.59
C ASN A 67 -3.67 1.75 -25.44
N MET A 68 -4.21 2.98 -25.46
CA MET A 68 -4.02 3.87 -24.32
C MET A 68 -4.77 3.33 -23.11
N PHE A 69 -5.84 2.57 -23.37
CA PHE A 69 -6.69 2.01 -22.34
C PHE A 69 -6.31 0.58 -22.05
N ILE A 70 -6.53 0.17 -20.79
CA ILE A 70 -6.11 -1.14 -20.31
C ILE A 70 -7.27 -1.84 -19.61
N THR A 71 -7.10 -3.15 -19.42
CA THR A 71 -8.07 -4.00 -18.74
C THR A 71 -8.02 -3.82 -17.24
N ARG A 72 -9.08 -4.25 -16.58
CA ARG A 72 -9.05 -4.26 -15.11
C ARG A 72 -7.89 -5.12 -14.61
N GLU A 73 -7.72 -6.30 -15.19
CA GLU A 73 -6.60 -7.15 -14.80
C GLU A 73 -5.26 -6.41 -14.90
N GLU A 74 -5.00 -5.75 -16.05
CA GLU A 74 -3.75 -5.04 -16.21
C GLU A 74 -3.66 -3.89 -15.20
N ALA A 75 -4.76 -3.17 -15.00
CA ALA A 75 -4.74 -2.07 -14.03
C ALA A 75 -4.34 -2.57 -12.63
N ILE A 76 -4.87 -3.74 -12.24
CA ILE A 76 -4.62 -4.29 -10.91
C ILE A 76 -3.16 -4.64 -10.75
N ARG A 77 -2.56 -5.23 -11.79
CA ARG A 77 -1.14 -5.53 -11.75
C ARG A 77 -0.29 -4.28 -11.66
N HIS A 78 -0.83 -3.10 -11.98
CA HIS A 78 -0.04 -1.87 -11.90
C HIS A 78 -0.72 -0.85 -11.00
N VAL A 79 -1.35 -1.35 -9.93
CA VAL A 79 -2.02 -0.49 -8.97
C VAL A 79 -1.08 0.58 -8.43
N ARG A 80 0.21 0.29 -8.27
CA ARG A 80 1.08 1.35 -7.77
C ARG A 80 1.06 2.55 -8.71
N ALA A 81 0.74 2.35 -9.99
CA ALA A 81 0.78 3.44 -10.94
C ALA A 81 -0.48 4.30 -10.95
N TRP A 82 -1.51 3.99 -10.13
CA TRP A 82 -2.78 4.67 -10.32
C TRP A 82 -2.72 6.08 -9.81
N ILE A 83 -3.27 7.00 -10.62
CA ILE A 83 -3.46 8.40 -10.27
C ILE A 83 -4.88 8.77 -10.71
N GLY A 84 -5.76 8.97 -9.74
CA GLY A 84 -7.07 9.49 -10.08
C GLY A 84 -6.95 10.80 -10.81
N PHE A 85 -7.83 11.01 -11.79
CA PHE A 85 -7.79 12.20 -12.64
C PHE A 85 -9.21 12.60 -12.99
N ASP A 86 -9.52 13.85 -12.73
CA ASP A 86 -10.82 14.41 -13.04
C ASP A 86 -10.61 15.80 -13.61
N VAL A 87 -11.48 16.17 -14.55
CA VAL A 87 -11.53 17.53 -15.07
C VAL A 87 -12.96 18.07 -14.95
N GLU A 88 -13.08 19.32 -14.47
CA GLU A 88 -14.36 19.98 -14.29
C GLU A 88 -14.31 21.31 -15.04
N PRO A 102 -12.14 27.96 -19.03
CA PRO A 102 -11.11 27.41 -18.13
C PRO A 102 -11.50 26.05 -17.56
N LEU A 103 -10.53 25.19 -17.30
CA LEU A 103 -10.77 23.81 -16.87
C LEU A 103 -10.01 23.55 -15.59
N GLN A 104 -10.68 22.95 -14.61
CA GLN A 104 -10.04 22.58 -13.35
C GLN A 104 -9.62 21.12 -13.45
N LEU A 105 -8.32 20.88 -13.34
CA LEU A 105 -7.72 19.56 -13.42
C LEU A 105 -7.40 19.14 -12.00
N GLY A 106 -7.90 18.01 -11.58
CA GLY A 106 -7.67 17.52 -10.23
C GLY A 106 -7.09 16.13 -10.32
N PHE A 107 -6.14 15.85 -9.44
CA PHE A 107 -5.52 14.52 -9.38
C PHE A 107 -5.66 13.97 -7.98
N SER A 108 -5.53 12.63 -7.86
CA SER A 108 -5.71 12.03 -6.55
C SER A 108 -4.57 12.36 -5.59
N THR A 109 -3.53 12.98 -6.09
CA THR A 109 -2.51 13.56 -5.22
C THR A 109 -3.05 14.75 -4.44
N GLY A 110 -4.28 15.19 -4.71
CA GLY A 110 -4.82 16.33 -4.03
C GLY A 110 -4.62 17.64 -4.75
N VAL A 111 -3.86 17.65 -5.83
CA VAL A 111 -3.61 18.90 -6.55
C VAL A 111 -4.76 19.27 -7.47
N ASN A 112 -5.10 20.57 -7.48
CA ASN A 112 -5.96 21.18 -8.48
C ASN A 112 -5.18 22.26 -9.23
N LEU A 113 -5.17 22.13 -10.56
CA LEU A 113 -4.60 23.07 -11.50
C LEU A 113 -5.73 23.65 -12.34
N VAL A 114 -5.54 24.90 -12.70
CA VAL A 114 -6.50 25.50 -13.61
C VAL A 114 -5.79 25.83 -14.90
N ALA A 115 -6.35 25.34 -16.03
CA ALA A 115 -5.74 25.57 -17.34
C ALA A 115 -6.52 26.55 -18.21
N GLY A 152 -5.19 30.31 -12.55
CA GLY A 152 -5.41 30.01 -13.95
C GLY A 152 -4.22 30.31 -14.83
N LEU A 153 -3.74 29.31 -15.58
CA LEU A 153 -2.54 29.48 -16.38
C LEU A 153 -2.61 28.66 -17.66
N PRO A 154 -1.91 29.08 -18.72
CA PRO A 154 -2.02 28.37 -20.00
C PRO A 154 -1.40 26.99 -19.97
N TRP A 155 -1.82 26.20 -20.94
CA TRP A 155 -1.51 24.79 -20.97
C TRP A 155 -0.03 24.52 -21.07
N ASN A 156 0.71 25.44 -21.70
CA ASN A 156 2.14 25.22 -21.88
C ASN A 156 2.90 25.34 -20.56
N VAL A 157 2.35 25.97 -19.53
CA VAL A 157 3.01 25.85 -18.22
C VAL A 157 2.38 24.76 -17.37
N VAL A 158 1.06 24.58 -17.52
CA VAL A 158 0.33 23.56 -16.76
C VAL A 158 0.92 22.18 -17.02
N ARG A 159 1.26 21.90 -18.28
CA ARG A 159 1.78 20.56 -18.61
C ARG A 159 3.11 20.31 -17.92
N ILE A 160 3.93 21.35 -17.74
CA ILE A 160 5.19 21.20 -17.00
C ILE A 160 4.93 20.77 -15.55
N LYS A 161 3.91 21.36 -14.93
CA LYS A 161 3.58 21.01 -13.55
C LYS A 161 3.10 19.58 -13.46
N ILE A 162 2.27 19.16 -14.44
CA ILE A 162 1.77 17.78 -14.47
C ILE A 162 2.94 16.80 -14.51
N VAL A 163 3.85 16.98 -15.47
CA VAL A 163 5.04 16.10 -15.53
C VAL A 163 5.78 16.10 -14.19
N GLN A 164 6.00 17.27 -13.59
CA GLN A 164 6.76 17.31 -12.33
C GLN A 164 6.00 16.58 -11.20
N MET A 165 4.70 16.81 -11.10
CA MET A 165 3.93 16.17 -10.03
C MET A 165 3.91 14.65 -10.17
N LEU A 166 3.62 14.17 -11.37
CA LEU A 166 3.60 12.72 -11.58
C LEU A 166 4.96 12.08 -11.38
N SER A 167 6.04 12.71 -11.87
CA SER A 167 7.38 12.16 -11.66
C SER A 167 7.69 12.02 -10.17
N ASP A 168 7.43 13.06 -9.38
CA ASP A 168 7.78 12.98 -7.95
C ASP A 168 6.85 12.05 -7.17
N THR A 169 5.62 11.87 -7.65
CA THR A 169 4.70 10.93 -7.00
C THR A 169 5.05 9.49 -7.34
N LEU A 170 5.48 9.22 -8.57
CA LEU A 170 5.54 7.86 -9.07
C LEU A 170 6.96 7.32 -9.22
N LYS A 171 7.98 8.18 -9.20
CA LYS A 171 9.30 7.68 -9.57
C LYS A 171 9.75 6.51 -8.70
N ASN A 172 9.37 6.49 -7.41
CA ASN A 172 9.71 5.36 -6.53
C ASN A 172 8.60 4.33 -6.39
N LEU A 173 7.56 4.37 -7.26
CA LEU A 173 6.48 3.39 -7.18
C LEU A 173 6.37 2.51 -8.40
N SER A 174 6.56 3.05 -9.61
CA SER A 174 6.10 2.38 -10.82
C SER A 174 6.89 2.90 -12.01
N ASP A 175 6.92 2.08 -13.05
CA ASP A 175 7.51 2.47 -14.33
C ASP A 175 6.51 3.15 -15.27
N ARG A 176 5.31 3.48 -14.80
CA ARG A 176 4.30 4.05 -15.67
C ARG A 176 3.37 4.94 -14.87
N VAL A 177 2.33 5.44 -15.54
CA VAL A 177 1.17 6.03 -14.89
C VAL A 177 -0.09 5.40 -15.46
N VAL A 178 -1.09 5.19 -14.60
CA VAL A 178 -2.42 4.75 -15.01
C VAL A 178 -3.44 5.78 -14.51
N PHE A 179 -4.00 6.58 -15.42
CA PHE A 179 -5.02 7.54 -15.03
C PHE A 179 -6.34 6.80 -14.81
N VAL A 180 -6.91 6.91 -13.62
CA VAL A 180 -8.14 6.24 -13.22
C VAL A 180 -9.23 7.27 -13.28
N LEU A 181 -10.20 7.06 -14.15
CA LEU A 181 -11.20 8.06 -14.44
C LEU A 181 -12.60 7.54 -14.06
N TRP A 182 -13.46 8.54 -13.84
CA TRP A 182 -14.92 8.45 -13.96
C TRP A 182 -15.33 9.39 -15.11
N ALA A 183 -15.24 8.85 -16.30
CA ALA A 183 -15.12 9.68 -17.47
C ALA A 183 -16.46 10.31 -17.86
N HIS A 184 -16.50 11.64 -17.86
CA HIS A 184 -17.67 12.33 -18.36
C HIS A 184 -17.39 13.14 -19.63
N GLY A 185 -16.12 13.27 -20.05
CA GLY A 185 -15.73 13.80 -21.36
C GLY A 185 -14.58 14.78 -21.35
N PHE A 186 -14.68 15.84 -20.55
CA PHE A 186 -13.61 16.83 -20.52
C PHE A 186 -12.27 16.21 -20.16
N GLU A 187 -12.25 15.23 -19.26
CA GLU A 187 -10.94 14.69 -18.88
C GLU A 187 -10.27 14.05 -20.09
N LEU A 188 -11.07 13.44 -20.96
CA LEU A 188 -10.51 12.73 -22.11
C LEU A 188 -10.13 13.67 -23.26
N THR A 189 -10.96 14.67 -23.55
CA THR A 189 -10.58 15.64 -24.56
C THR A 189 -9.44 16.54 -24.09
N SER A 190 -9.11 16.59 -22.79
CA SER A 190 -8.02 17.46 -22.35
C SER A 190 -6.64 16.80 -22.42
N MET A 191 -6.62 15.51 -22.69
CA MET A 191 -5.37 14.78 -22.66
C MET A 191 -4.40 15.26 -23.72
N LYS A 192 -4.92 15.60 -24.90
CA LYS A 192 -4.06 15.98 -26.00
C LYS A 192 -3.21 17.21 -25.69
N TYR A 193 -3.58 17.98 -24.68
CA TYR A 193 -2.82 19.16 -24.31
C TYR A 193 -1.65 18.83 -23.37
N PHE A 194 -1.55 17.61 -22.87
CA PHE A 194 -0.36 17.28 -22.10
C PHE A 194 0.16 15.87 -22.30
N VAL A 195 -0.39 15.11 -23.24
CA VAL A 195 0.01 13.74 -23.50
C VAL A 195 0.54 13.65 -24.91
N LYS A 196 1.64 12.93 -25.10
CA LYS A 196 2.06 12.48 -26.43
C LYS A 196 2.20 10.96 -26.37
N ILE A 197 1.87 10.30 -27.50
CA ILE A 197 2.00 8.84 -27.63
C ILE A 197 2.82 8.49 -28.86
N GLY A 198 3.28 7.24 -28.90
CA GLY A 198 4.29 6.80 -29.83
C GLY A 198 4.69 5.38 -29.51
N PRO A 199 5.70 4.86 -30.21
CA PRO A 199 6.26 3.57 -29.82
C PRO A 199 6.78 3.63 -28.39
N GLU A 200 6.77 2.49 -27.72
CA GLU A 200 7.51 2.39 -26.47
C GLU A 200 9.00 2.78 -26.67
N ARG A 201 9.52 3.51 -25.70
CA ARG A 201 10.88 4.01 -25.75
C ARG A 201 11.60 3.78 -24.41
N THR A 202 12.87 4.11 -24.42
CA THR A 202 13.65 4.04 -23.20
C THR A 202 14.13 5.43 -22.82
N CYS A 203 14.42 5.62 -21.53
CA CYS A 203 14.96 6.89 -21.05
C CYS A 203 16.27 7.21 -21.75
N CYS A 204 16.51 8.50 -21.98
CA CYS A 204 17.76 8.94 -22.59
C CYS A 204 18.94 8.86 -21.63
N LEU A 205 18.67 8.77 -20.32
CA LEU A 205 19.74 8.73 -19.33
C LEU A 205 19.78 7.43 -18.54
N CYS A 206 18.92 6.47 -18.83
CA CYS A 206 19.00 5.19 -18.15
C CYS A 206 18.24 4.15 -18.97
N ASP A 207 17.99 2.99 -18.37
CA ASP A 207 17.42 1.86 -19.08
C ASP A 207 15.95 1.61 -18.79
N ARG A 208 15.32 2.48 -17.99
CA ARG A 208 13.90 2.37 -17.69
C ARG A 208 13.06 2.84 -18.89
N ARG A 209 11.85 2.30 -18.99
CA ARG A 209 10.97 2.72 -20.07
C ARG A 209 10.68 4.20 -19.88
N ALA A 210 10.50 4.88 -21.01
CA ALA A 210 10.23 6.31 -21.03
C ALA A 210 8.78 6.60 -20.66
N THR A 211 8.59 7.61 -19.80
CA THR A 211 7.30 8.07 -19.33
C THR A 211 7.03 9.53 -19.66
N CYS A 212 8.03 10.26 -20.14
CA CYS A 212 7.92 11.68 -20.38
C CYS A 212 8.68 12.02 -21.64
N PHE A 213 8.34 13.15 -22.22
CA PHE A 213 8.91 13.64 -23.45
C PHE A 213 9.16 15.12 -23.30
N SER A 214 10.26 15.59 -23.88
CA SER A 214 10.56 17.02 -23.89
C SER A 214 10.59 17.52 -25.32
N THR A 215 9.76 18.54 -25.61
CA THR A 215 9.80 19.21 -26.90
C THR A 215 10.94 20.19 -27.00
N ALA A 216 11.58 20.56 -25.89
CA ALA A 216 12.75 21.44 -25.98
C ALA A 216 13.93 20.72 -26.61
N SER A 217 14.21 19.51 -26.15
CA SER A 217 15.36 18.72 -26.61
C SER A 217 14.98 17.54 -27.49
N ASP A 218 13.70 17.28 -27.69
CA ASP A 218 13.32 16.11 -28.49
C ASP A 218 13.89 14.81 -27.93
N THR A 219 13.98 14.71 -26.61
CA THR A 219 14.41 13.50 -25.93
C THR A 219 13.30 12.97 -25.02
N TYR A 220 13.53 11.76 -24.49
CA TYR A 220 12.59 11.05 -23.63
C TYR A 220 13.23 10.75 -22.28
N ALA A 221 12.40 10.66 -21.23
CA ALA A 221 12.94 10.29 -19.94
C ALA A 221 11.98 9.45 -19.12
N CYS A 222 12.53 8.77 -18.12
CA CYS A 222 11.74 8.08 -17.12
C CYS A 222 11.30 9.07 -16.04
N TRP A 223 10.66 8.57 -14.98
CA TRP A 223 10.19 9.46 -13.93
C TRP A 223 11.37 10.03 -13.14
N HIS A 224 12.52 9.35 -13.14
CA HIS A 224 13.67 9.85 -12.37
C HIS A 224 14.41 10.97 -13.08
N HIS A 225 14.35 11.05 -14.41
CA HIS A 225 15.19 11.99 -15.15
C HIS A 225 14.40 12.96 -16.01
N SER A 226 13.23 13.38 -15.55
CA SER A 226 12.29 14.12 -16.38
C SER A 226 12.25 15.59 -16.03
N ILE A 227 13.27 16.05 -15.31
CA ILE A 227 13.29 17.42 -14.81
C ILE A 227 13.36 18.35 -16.01
N GLY A 228 12.42 19.28 -16.09
CA GLY A 228 12.33 20.13 -17.27
C GLY A 228 11.55 19.57 -18.45
N PHE A 229 10.94 18.39 -18.35
CA PHE A 229 10.19 17.80 -19.47
C PHE A 229 8.73 18.24 -19.45
N ASP A 230 8.17 18.47 -20.62
CA ASP A 230 6.87 19.13 -20.66
C ASP A 230 5.69 18.24 -21.03
N TYR A 231 5.89 16.97 -21.41
CA TYR A 231 4.76 16.13 -21.83
C TYR A 231 4.78 14.75 -21.19
N VAL A 232 3.59 14.25 -20.81
CA VAL A 232 3.48 12.87 -20.39
C VAL A 232 3.53 11.97 -21.62
N TYR A 233 4.30 10.89 -21.56
CA TYR A 233 4.50 10.02 -22.71
C TYR A 233 3.96 8.62 -22.48
N ASN A 234 3.13 8.17 -23.41
CA ASN A 234 2.49 6.86 -23.37
C ASN A 234 1.93 6.54 -21.98
N PRO A 235 1.11 7.46 -21.42
CA PRO A 235 0.32 7.13 -20.23
C PRO A 235 -0.66 6.02 -20.55
N PHE A 236 -1.16 5.37 -19.51
CA PHE A 236 -2.28 4.43 -19.61
C PHE A 236 -3.47 4.98 -18.84
N MET A 237 -4.60 4.34 -19.03
CA MET A 237 -5.82 4.89 -18.44
C MET A 237 -6.93 3.85 -18.44
N ILE A 238 -7.86 4.03 -17.51
CA ILE A 238 -8.96 3.08 -17.30
C ILE A 238 -10.15 3.85 -16.78
N ASP A 239 -11.31 3.63 -17.42
CA ASP A 239 -12.55 4.32 -17.09
C ASP A 239 -13.41 3.40 -16.24
N VAL A 240 -13.50 3.74 -14.95
CA VAL A 240 -14.24 2.94 -13.99
C VAL A 240 -15.70 2.85 -14.38
N GLN A 241 -16.25 3.88 -15.01
CA GLN A 241 -17.67 3.85 -15.35
C GLN A 241 -18.01 2.72 -16.33
N GLN A 242 -17.01 2.14 -16.99
CA GLN A 242 -17.18 0.99 -17.87
C GLN A 242 -17.38 -0.30 -17.12
N TRP A 243 -17.31 -0.29 -15.80
CA TRP A 243 -17.35 -1.52 -15.04
C TRP A 243 -18.76 -1.93 -14.63
N GLY A 244 -19.73 -1.04 -14.80
CA GLY A 244 -21.12 -1.42 -14.66
C GLY A 244 -21.70 -0.94 -13.36
N PHE A 245 -21.78 0.36 -13.18
CA PHE A 245 -22.27 0.96 -11.96
C PHE A 245 -23.59 1.63 -12.25
N THR A 246 -24.44 1.69 -11.24
CA THR A 246 -25.66 2.47 -11.31
C THR A 246 -25.52 3.68 -10.40
N GLY A 247 -25.85 4.82 -10.93
CA GLY A 247 -25.71 6.05 -10.18
C GLY A 247 -24.35 6.68 -10.40
N ASN A 248 -24.24 7.89 -9.89
CA ASN A 248 -23.10 8.73 -10.12
C ASN A 248 -21.96 8.31 -9.17
N LEU A 249 -20.81 8.95 -9.33
CA LEU A 249 -19.62 8.57 -8.56
C LEU A 249 -19.84 8.72 -7.06
N GLN A 250 -20.26 9.90 -6.63
CA GLN A 250 -20.34 10.13 -5.18
C GLN A 250 -21.19 9.08 -4.50
N SER A 251 -22.36 8.78 -5.07
CA SER A 251 -23.24 7.82 -4.44
C SER A 251 -22.64 6.42 -4.44
N ASN A 252 -21.87 6.07 -5.47
CA ASN A 252 -21.23 4.77 -5.41
C ASN A 252 -20.05 4.74 -4.44
N HIS A 253 -19.32 5.85 -4.31
CA HIS A 253 -18.16 5.87 -3.43
C HIS A 253 -18.59 5.84 -1.98
N ASP A 254 -19.57 6.69 -1.64
CA ASP A 254 -20.00 6.85 -0.26
C ASP A 254 -20.63 5.57 0.32
N LEU A 255 -20.94 4.60 -0.49
CA LEU A 255 -21.50 3.37 0.05
C LEU A 255 -20.47 2.62 0.86
N TYR A 256 -19.18 2.88 0.58
CA TYR A 256 -18.08 2.10 1.16
C TYR A 256 -17.11 2.94 1.95
N CYS A 257 -17.21 4.26 1.89
CA CYS A 257 -16.16 5.11 2.42
C CYS A 257 -16.76 6.43 2.87
N GLN A 258 -16.49 6.79 4.12
CA GLN A 258 -16.91 8.02 4.75
C GLN A 258 -15.74 9.00 4.93
N VAL A 259 -14.53 8.61 4.52
CA VAL A 259 -13.34 9.41 4.79
C VAL A 259 -13.10 10.50 3.74
N HIS A 260 -13.44 10.25 2.49
CA HIS A 260 -13.20 11.22 1.43
C HIS A 260 -14.46 12.05 1.21
N ALA A 266 -12.32 19.27 -8.25
CA ALA A 266 -11.90 18.24 -9.21
C ALA A 266 -11.06 17.17 -8.54
N SER A 267 -10.13 17.60 -7.67
CA SER A 267 -9.30 16.63 -6.96
C SER A 267 -10.11 15.71 -6.05
N CYS A 268 -11.17 16.22 -5.41
CA CYS A 268 -12.03 15.34 -4.61
C CYS A 268 -12.66 14.21 -5.45
N ASP A 269 -13.08 14.51 -6.70
CA ASP A 269 -13.57 13.42 -7.56
C ASP A 269 -12.42 12.48 -7.96
N ALA A 270 -11.23 13.02 -8.24
CA ALA A 270 -10.13 12.14 -8.57
C ALA A 270 -9.81 11.19 -7.43
N ILE A 271 -10.00 11.65 -6.20
CA ILE A 271 -9.71 10.80 -5.04
C ILE A 271 -10.80 9.77 -4.87
N MET A 272 -12.07 10.19 -4.87
CA MET A 272 -13.17 9.21 -4.85
C MET A 272 -13.01 8.18 -5.96
N THR A 273 -12.66 8.61 -7.18
CA THR A 273 -12.58 7.67 -8.30
C THR A 273 -11.55 6.57 -8.03
N ARG A 274 -10.31 6.96 -7.68
CA ARG A 274 -9.29 5.99 -7.31
C ARG A 274 -9.76 5.16 -6.11
N CYS A 275 -10.33 5.82 -5.09
CA CYS A 275 -10.83 5.07 -3.94
C CYS A 275 -11.84 4.02 -4.36
N LEU A 276 -12.86 4.41 -5.15
CA LEU A 276 -13.85 3.42 -5.56
C LEU A 276 -13.19 2.26 -6.30
N ALA A 277 -12.20 2.57 -7.15
CA ALA A 277 -11.52 1.52 -7.93
C ALA A 277 -10.71 0.60 -7.02
N VAL A 278 -10.04 1.16 -6.00
CA VAL A 278 -9.33 0.30 -5.05
C VAL A 278 -10.33 -0.62 -4.32
N HIS A 279 -11.50 -0.09 -3.97
CA HIS A 279 -12.47 -0.91 -3.25
C HIS A 279 -12.94 -2.08 -4.13
N GLU A 280 -13.16 -1.83 -5.43
CA GLU A 280 -13.66 -2.89 -6.31
C GLU A 280 -12.61 -3.98 -6.52
N CYS A 281 -11.34 -3.63 -6.55
CA CYS A 281 -10.31 -4.57 -6.98
C CYS A 281 -9.52 -5.17 -5.82
N PHE A 282 -9.63 -4.60 -4.64
CA PHE A 282 -8.78 -5.03 -3.54
C PHE A 282 -9.49 -5.18 -2.21
N VAL A 283 -10.66 -4.58 -2.04
CA VAL A 283 -11.45 -4.71 -0.83
C VAL A 283 -12.59 -5.72 -0.97
N TYR A 292 3.82 -8.51 -7.15
CA TYR A 292 4.29 -7.18 -7.52
C TYR A 292 5.79 -7.01 -7.37
N PRO A 293 6.42 -6.24 -8.25
CA PRO A 293 7.88 -6.09 -8.18
C PRO A 293 8.41 -5.49 -6.87
N ILE A 294 9.68 -5.81 -6.61
CA ILE A 294 10.42 -5.24 -5.48
C ILE A 294 10.81 -3.80 -5.81
N ILE A 295 10.34 -2.84 -5.01
CA ILE A 295 10.63 -1.42 -5.23
C ILE A 295 11.36 -0.77 -4.06
N GLY A 296 11.62 -1.52 -3.01
CA GLY A 296 12.15 -0.93 -1.80
C GLY A 296 12.71 -1.97 -0.85
N ASP A 297 12.40 -1.84 0.43
CA ASP A 297 12.97 -2.72 1.44
C ASP A 297 12.14 -3.96 1.73
N GLU A 298 11.27 -4.37 0.80
CA GLU A 298 10.41 -5.52 1.07
C GLU A 298 11.16 -6.65 1.77
N LEU A 299 12.35 -7.00 1.29
CA LEU A 299 12.95 -8.24 1.75
C LEU A 299 13.49 -8.09 3.16
N LYS A 300 14.04 -6.92 3.49
CA LYS A 300 14.57 -6.70 4.84
C LYS A 300 13.44 -6.57 5.85
N ILE A 301 12.34 -5.93 5.42
CA ILE A 301 11.15 -5.80 6.26
C ILE A 301 10.61 -7.17 6.63
N ASN A 302 10.52 -8.06 5.66
CA ASN A 302 9.87 -9.34 5.90
C ASN A 302 10.77 -10.25 6.76
N ALA A 303 12.08 -10.15 6.60
CA ALA A 303 13.00 -10.92 7.42
C ALA A 303 13.02 -10.38 8.85
N ALA A 304 12.94 -9.06 9.00
CA ALA A 304 12.81 -8.46 10.32
C ALA A 304 11.49 -8.83 11.00
N CYS A 305 10.39 -8.90 10.25
CA CYS A 305 9.13 -9.29 10.87
C CYS A 305 9.21 -10.75 11.32
N ARG A 306 9.89 -11.59 10.55
CA ARG A 306 10.05 -12.99 10.93
C ARG A 306 10.91 -13.13 12.18
N LYS A 307 11.98 -12.37 12.25
CA LYS A 307 12.89 -12.40 13.40
C LYS A 307 12.23 -11.88 14.67
N VAL A 308 11.58 -10.72 14.58
CA VAL A 308 10.88 -10.18 15.74
C VAL A 308 9.78 -11.13 16.22
N GLN A 309 8.96 -11.66 15.30
CA GLN A 309 7.88 -12.55 15.72
C GLN A 309 8.46 -13.71 16.52
N HIS A 310 9.57 -14.28 16.03
CA HIS A 310 10.16 -15.43 16.71
C HIS A 310 10.67 -15.01 18.08
N MET A 311 11.30 -13.85 18.14
CA MET A 311 11.83 -13.37 19.40
C MET A 311 10.72 -13.15 20.40
N VAL A 312 9.71 -12.35 20.03
CA VAL A 312 8.75 -11.93 21.03
C VAL A 312 7.94 -13.11 21.53
N VAL A 313 7.61 -14.05 20.66
CA VAL A 313 6.73 -15.13 21.09
C VAL A 313 7.51 -16.12 21.96
N LYS A 314 8.71 -16.47 21.52
CA LYS A 314 9.58 -17.34 22.32
C LYS A 314 9.73 -16.77 23.74
N ALA A 315 9.91 -15.46 23.86
CA ALA A 315 10.12 -14.88 25.18
C ALA A 315 8.84 -14.88 26.00
N ALA A 316 7.71 -14.58 25.36
CA ALA A 316 6.43 -14.66 26.08
C ALA A 316 6.19 -16.05 26.63
N LEU A 317 6.56 -17.08 25.87
CA LEU A 317 6.34 -18.44 26.36
C LEU A 317 7.28 -18.75 27.52
N LEU A 318 8.52 -18.26 27.46
CA LEU A 318 9.47 -18.51 28.55
C LEU A 318 9.04 -17.78 29.81
N ALA A 319 8.70 -16.50 29.67
CA ALA A 319 8.40 -15.68 30.83
C ALA A 319 7.13 -16.13 31.53
N ASP A 320 6.10 -16.52 30.78
CA ASP A 320 4.84 -16.87 31.44
C ASP A 320 4.40 -18.34 31.29
N LYS A 321 5.08 -19.15 30.51
CA LYS A 321 4.84 -20.60 30.53
C LYS A 321 3.38 -20.95 30.21
N PHE A 322 2.79 -20.21 29.30
CA PHE A 322 1.45 -20.54 28.86
C PHE A 322 1.40 -22.01 28.42
N PRO A 323 0.38 -22.76 28.83
CA PRO A 323 0.29 -24.15 28.34
C PRO A 323 -0.19 -24.28 26.88
N VAL A 324 -0.85 -23.26 26.30
CA VAL A 324 -1.45 -23.37 24.98
C VAL A 324 -1.40 -22.00 24.31
N LEU A 325 -1.10 -22.00 23.03
CA LEU A 325 -1.10 -20.78 22.21
C LEU A 325 -2.10 -20.93 21.06
N HIS A 326 -3.02 -19.96 20.93
CA HIS A 326 -4.04 -19.92 19.88
C HIS A 326 -3.55 -18.95 18.81
N ASP A 327 -3.02 -19.50 17.73
CA ASP A 327 -2.43 -18.74 16.63
C ASP A 327 -3.52 -18.43 15.61
N ILE A 328 -3.96 -17.18 15.58
CA ILE A 328 -5.14 -16.79 14.82
C ILE A 328 -4.70 -16.00 13.58
N GLY A 329 -5.03 -16.54 12.40
CA GLY A 329 -4.83 -15.87 11.13
C GLY A 329 -3.53 -16.19 10.43
N ASN A 330 -2.66 -17.01 11.04
CA ASN A 330 -1.41 -17.46 10.42
C ASN A 330 -1.72 -17.82 8.96
N PRO A 331 -1.18 -17.07 7.99
CA PRO A 331 -1.39 -17.43 6.56
C PRO A 331 -0.61 -18.68 6.17
N LYS A 332 0.53 -18.93 6.83
CA LYS A 332 1.38 -20.07 6.49
C LYS A 332 1.05 -21.29 7.32
N ALA A 333 0.48 -21.10 8.51
CA ALA A 333 0.20 -22.18 9.45
C ALA A 333 1.49 -22.89 9.85
N ILE A 334 2.56 -22.11 10.08
CA ILE A 334 3.82 -22.62 10.59
C ILE A 334 4.04 -22.01 11.97
N LYS A 335 4.40 -22.86 12.93
CA LYS A 335 4.76 -22.38 14.26
C LYS A 335 5.99 -21.48 14.16
N CYS A 336 5.92 -20.30 14.77
CA CYS A 336 7.06 -19.38 14.74
C CYS A 336 8.10 -19.69 15.81
N VAL A 337 7.78 -20.51 16.78
CA VAL A 337 8.74 -20.97 17.78
C VAL A 337 8.62 -22.50 17.82
N PRO A 338 9.22 -23.22 16.87
CA PRO A 338 8.91 -24.65 16.74
C PRO A 338 9.47 -25.51 17.86
N GLN A 339 10.38 -25.01 18.68
CA GLN A 339 10.89 -25.79 19.78
C GLN A 339 10.19 -25.51 21.12
N ALA A 340 9.22 -24.62 21.19
CA ALA A 340 8.56 -24.34 22.47
C ALA A 340 7.71 -25.52 22.92
N ASP A 341 7.57 -25.68 24.24
CA ASP A 341 6.83 -26.83 24.75
C ASP A 341 5.31 -26.73 24.53
N VAL A 342 4.78 -25.58 24.15
CA VAL A 342 3.35 -25.37 24.32
C VAL A 342 2.51 -26.16 23.32
N GLU A 343 1.23 -26.29 23.64
CA GLU A 343 0.23 -26.84 22.72
C GLU A 343 -0.13 -25.73 21.73
N TRP A 344 0.28 -25.88 20.50
CA TRP A 344 0.04 -24.90 19.47
C TRP A 344 -1.21 -25.29 18.66
N LYS A 345 -2.24 -24.45 18.75
CA LYS A 345 -3.52 -24.63 18.06
C LYS A 345 -3.71 -23.46 17.12
N PHE A 346 -4.05 -23.78 15.86
CA PHE A 346 -4.19 -22.85 14.75
C PHE A 346 -5.67 -22.62 14.43
N TYR A 347 -6.02 -21.38 14.10
CA TYR A 347 -7.35 -20.98 13.69
C TYR A 347 -7.19 -20.14 12.43
N ASP A 348 -7.93 -20.52 11.40
CA ASP A 348 -7.80 -19.97 10.06
C ASP A 348 -8.63 -18.70 9.90
N ALA A 349 -8.00 -17.65 9.43
CA ALA A 349 -8.70 -16.39 9.15
C ALA A 349 -7.88 -15.73 8.06
N GLN A 350 -8.49 -15.50 6.91
CA GLN A 350 -7.79 -14.79 5.86
C GLN A 350 -7.63 -13.33 6.26
N PRO A 351 -6.66 -12.62 5.69
CA PRO A 351 -6.53 -11.19 6.00
C PRO A 351 -7.81 -10.44 5.67
N CYS A 352 -8.43 -9.84 6.68
CA CYS A 352 -9.66 -9.08 6.43
C CYS A 352 -9.29 -7.80 5.69
N SER A 353 -9.83 -7.64 4.48
CA SER A 353 -9.53 -6.47 3.67
C SER A 353 -10.54 -5.33 3.83
N ASP A 354 -11.72 -5.60 4.42
CA ASP A 354 -12.73 -4.56 4.54
C ASP A 354 -12.76 -3.99 5.95
N LYS A 355 -13.67 -4.49 6.79
CA LYS A 355 -13.70 -4.09 8.19
C LYS A 355 -12.92 -5.10 9.03
N ALA A 356 -12.33 -4.62 10.13
CA ALA A 356 -11.68 -5.55 11.06
C ALA A 356 -12.67 -6.61 11.52
N TYR A 357 -12.16 -7.83 11.74
CA TYR A 357 -12.97 -8.90 12.28
C TYR A 357 -13.50 -8.51 13.63
N LYS A 358 -14.71 -8.97 13.95
CA LYS A 358 -15.31 -8.84 15.27
C LYS A 358 -14.90 -10.07 16.07
N ILE A 359 -14.22 -9.83 17.19
CA ILE A 359 -13.72 -10.91 18.05
C ILE A 359 -14.84 -11.84 18.51
N GLU A 360 -16.03 -11.32 18.75
CA GLU A 360 -17.16 -12.21 19.05
C GLU A 360 -17.45 -13.21 17.91
N GLU A 361 -17.36 -12.78 16.67
CA GLU A 361 -17.54 -13.75 15.57
C GLU A 361 -16.38 -14.74 15.49
N LEU A 362 -15.14 -14.24 15.54
CA LEU A 362 -14.01 -15.17 15.52
C LEU A 362 -14.00 -16.06 16.76
N PHE A 373 -10.21 -19.91 24.62
CA PHE A 373 -9.41 -18.83 24.09
C PHE A 373 -8.95 -17.99 25.25
N THR A 374 -9.58 -18.21 26.40
CA THR A 374 -9.17 -17.57 27.63
C THR A 374 -8.03 -18.30 28.32
N ASP A 375 -7.82 -19.57 28.02
CA ASP A 375 -6.66 -20.30 28.51
C ASP A 375 -5.43 -19.94 27.66
N GLY A 376 -4.31 -19.70 28.31
CA GLY A 376 -3.07 -19.52 27.56
C GLY A 376 -2.96 -18.16 26.91
N VAL A 377 -2.33 -18.13 25.75
CA VAL A 377 -2.09 -16.88 25.07
C VAL A 377 -2.63 -16.95 23.63
N CYS A 378 -3.11 -15.81 23.14
CA CYS A 378 -3.59 -15.63 21.77
C CYS A 378 -2.60 -14.80 20.97
N LEU A 379 -2.24 -15.30 19.80
CA LEU A 379 -1.31 -14.62 18.92
C LEU A 379 -2.03 -14.10 17.67
N PHE A 380 -1.98 -12.80 17.44
CA PHE A 380 -2.57 -12.14 16.28
C PHE A 380 -1.43 -11.44 15.54
N TRP A 381 -0.77 -12.15 14.62
CA TRP A 381 0.27 -11.51 13.83
C TRP A 381 -0.34 -10.98 12.54
N ASN A 382 -0.63 -9.68 12.53
CA ASN A 382 -1.41 -9.04 11.46
C ASN A 382 -2.78 -9.68 11.25
N CYS A 383 -3.45 -10.04 12.34
CA CYS A 383 -4.85 -10.42 12.26
C CYS A 383 -5.71 -9.36 12.93
N ASN A 384 -6.35 -8.54 12.13
CA ASN A 384 -6.99 -7.31 12.58
C ASN A 384 -8.41 -7.56 13.09
N VAL A 385 -8.58 -7.41 14.39
CA VAL A 385 -9.86 -7.52 15.07
C VAL A 385 -10.21 -6.17 15.67
N ASP A 386 -11.47 -6.04 16.04
CA ASP A 386 -11.97 -4.80 16.62
C ASP A 386 -11.46 -4.59 18.04
N ARG A 387 -11.25 -5.65 18.81
CA ARG A 387 -10.73 -5.50 20.16
C ARG A 387 -10.07 -6.80 20.58
N TYR A 388 -8.74 -6.75 20.89
CA TYR A 388 -7.99 -7.97 21.19
C TYR A 388 -8.29 -8.44 22.61
N PRO A 389 -8.36 -9.76 22.84
CA PRO A 389 -8.54 -10.25 24.21
C PRO A 389 -7.35 -9.79 25.06
N ALA A 390 -7.46 -9.91 26.37
CA ALA A 390 -6.38 -9.44 27.23
C ALA A 390 -5.15 -10.34 27.17
N ASN A 391 -5.34 -11.63 26.90
CA ASN A 391 -4.23 -12.57 26.88
C ASN A 391 -3.68 -12.69 25.46
N SER A 392 -3.19 -11.58 24.91
CA SER A 392 -2.76 -11.57 23.52
C SER A 392 -1.36 -11.02 23.29
N ILE A 393 -0.73 -11.52 22.22
CA ILE A 393 0.45 -10.97 21.60
C ILE A 393 -0.01 -10.50 20.24
N VAL A 394 0.25 -9.25 19.89
CA VAL A 394 -0.31 -8.65 18.68
C VAL A 394 0.70 -7.81 17.91
N CYS A 395 0.74 -7.98 16.58
CA CYS A 395 1.36 -7.08 15.62
C CYS A 395 0.28 -6.58 14.67
N ARG A 396 0.07 -5.27 14.61
CA ARG A 396 -0.95 -4.62 13.79
C ARG A 396 -0.30 -3.50 12.98
N PHE A 397 -0.61 -3.48 11.68
CA PHE A 397 -0.01 -2.51 10.76
C PHE A 397 -0.75 -1.19 10.87
N ASP A 398 0.01 -0.09 11.02
CA ASP A 398 -0.49 1.27 11.15
C ASP A 398 -0.67 1.85 9.74
N THR A 399 -1.92 1.81 9.25
CA THR A 399 -2.26 2.29 7.91
C THR A 399 -1.86 3.74 7.69
N ARG A 400 -1.59 4.51 8.76
CA ARG A 400 -1.29 5.93 8.62
C ARG A 400 0.17 6.21 8.23
N VAL A 401 1.03 5.20 8.17
CA VAL A 401 2.45 5.43 7.92
C VAL A 401 2.73 5.75 6.46
N LEU A 402 3.77 6.57 6.24
CA LEU A 402 4.18 7.00 4.92
C LEU A 402 5.35 6.14 4.44
N SER A 403 5.09 5.33 3.40
CA SER A 403 6.12 4.55 2.74
C SER A 403 5.71 4.34 1.28
N ASN A 404 6.70 4.02 0.45
CA ASN A 404 6.48 3.65 -0.94
C ASN A 404 5.77 2.31 -1.06
N LEU A 405 5.72 1.53 0.02
CA LEU A 405 4.98 0.28 0.02
C LEU A 405 3.51 0.46 0.38
N ASN A 406 3.17 1.58 1.03
CA ASN A 406 1.84 1.79 1.58
C ASN A 406 1.07 2.85 0.79
N LEU A 407 0.06 2.39 0.01
CA LEU A 407 -0.75 3.27 -0.81
C LEU A 407 -2.06 3.65 -0.11
N PRO A 408 -2.55 4.86 -0.37
CA PRO A 408 -3.80 5.28 0.25
C PRO A 408 -4.92 4.36 -0.18
N GLY A 409 -5.79 4.01 0.76
CA GLY A 409 -6.85 3.06 0.50
C GLY A 409 -8.25 3.59 0.75
N CYS A 410 -9.17 2.69 1.09
CA CYS A 410 -10.59 3.03 1.11
C CYS A 410 -11.09 3.07 2.56
N ASP A 411 -11.87 4.07 2.85
CA ASP A 411 -12.47 4.22 4.17
C ASP A 411 -11.42 4.20 5.30
N GLY A 412 -10.29 4.85 5.06
CA GLY A 412 -9.26 4.99 6.09
C GLY A 412 -8.20 3.91 6.07
N GLY A 413 -8.49 2.77 5.49
CA GLY A 413 -7.48 1.74 5.30
C GLY A 413 -6.45 2.12 4.23
N SER A 414 -5.51 1.22 4.05
CA SER A 414 -4.42 1.44 3.12
C SER A 414 -4.16 0.16 2.35
N LEU A 415 -3.57 0.32 1.20
CA LEU A 415 -3.28 -0.78 0.31
C LEU A 415 -1.79 -1.04 0.54
N TYR A 416 -1.48 -2.05 1.33
CA TYR A 416 -0.10 -2.43 1.59
C TYR A 416 0.34 -3.40 0.52
N VAL A 417 1.28 -2.96 -0.33
CA VAL A 417 1.79 -3.78 -1.41
C VAL A 417 3.25 -4.14 -1.13
N ASN A 418 3.48 -5.42 -0.84
CA ASN A 418 4.73 -6.00 -0.38
C ASN A 418 4.65 -7.44 -0.88
N LYS A 419 5.20 -7.68 -2.07
CA LYS A 419 5.02 -8.93 -2.81
C LYS A 419 3.57 -9.10 -3.28
N HIS A 420 2.62 -9.15 -2.36
CA HIS A 420 1.21 -9.25 -2.70
C HIS A 420 0.52 -8.00 -2.21
N ALA A 421 -0.72 -7.82 -2.65
CA ALA A 421 -1.49 -6.65 -2.29
C ALA A 421 -2.42 -6.99 -1.14
N PHE A 422 -2.34 -6.21 -0.05
CA PHE A 422 -3.11 -6.46 1.18
C PHE A 422 -3.83 -5.18 1.55
N HIS A 423 -5.10 -5.04 1.20
CA HIS A 423 -5.83 -3.92 1.74
C HIS A 423 -6.07 -4.13 3.23
N THR A 424 -5.77 -3.11 4.03
CA THR A 424 -5.80 -3.21 5.47
C THR A 424 -6.73 -2.16 6.06
N PRO A 425 -7.67 -2.56 6.94
CA PRO A 425 -8.59 -1.58 7.54
C PRO A 425 -7.87 -0.58 8.44
N ALA A 426 -8.52 0.55 8.64
CA ALA A 426 -7.90 1.71 9.27
C ALA A 426 -7.40 1.34 10.65
N PHE A 427 -6.21 1.83 10.97
CA PHE A 427 -5.66 1.70 12.31
C PHE A 427 -6.59 2.38 13.32
N ASP A 428 -6.92 1.64 14.38
CA ASP A 428 -7.78 2.08 15.47
C ASP A 428 -7.08 1.77 16.79
N LYS A 429 -6.71 2.81 17.55
CA LYS A 429 -5.98 2.62 18.81
C LYS A 429 -6.84 1.89 19.84
N SER A 430 -8.16 2.10 19.82
CA SER A 430 -9.02 1.49 20.83
C SER A 430 -9.01 -0.03 20.75
N ALA A 431 -8.60 -0.63 19.63
CA ALA A 431 -8.53 -2.09 19.56
C ALA A 431 -7.59 -2.69 20.60
N PHE A 432 -6.60 -1.90 21.08
CA PHE A 432 -5.56 -2.40 21.97
C PHE A 432 -5.81 -2.02 23.42
N VAL A 433 -7.07 -1.77 23.78
CA VAL A 433 -7.37 -1.21 25.09
C VAL A 433 -7.04 -2.19 26.20
N ASN A 434 -7.06 -3.49 25.92
CA ASN A 434 -6.77 -4.48 26.93
C ASN A 434 -5.28 -4.82 27.02
N LEU A 435 -4.43 -4.20 26.20
CA LEU A 435 -3.02 -4.53 26.13
C LEU A 435 -2.17 -3.29 26.40
N LYS A 436 -0.86 -3.50 26.42
CA LYS A 436 0.09 -2.38 26.43
C LYS A 436 1.05 -2.51 25.25
N GLN A 437 1.72 -1.41 24.95
CA GLN A 437 2.78 -1.47 23.96
C GLN A 437 3.83 -2.48 24.36
N LEU A 438 4.33 -3.23 23.41
CA LEU A 438 5.44 -4.13 23.72
C LEU A 438 6.74 -3.33 23.82
N PRO A 439 7.47 -3.39 24.94
CA PRO A 439 8.77 -2.70 25.02
C PRO A 439 9.82 -3.45 24.23
N PHE A 440 10.75 -2.71 23.65
CA PHE A 440 11.87 -3.35 22.98
C PHE A 440 12.69 -4.14 24.02
N PHE A 441 13.10 -5.35 23.64
CA PHE A 441 14.06 -6.13 24.41
C PHE A 441 14.70 -7.11 23.44
N TYR A 442 15.85 -7.64 23.85
CA TYR A 442 16.53 -8.69 23.08
C TYR A 442 16.83 -9.85 24.00
N TYR A 443 16.34 -11.04 23.66
CA TYR A 443 16.52 -12.21 24.49
C TYR A 443 17.28 -13.26 23.70
N SER A 444 18.25 -13.90 24.35
CA SER A 444 18.93 -15.05 23.77
C SER A 444 19.45 -15.97 24.87
N ASP A 445 19.30 -17.26 24.62
CA ASP A 445 19.83 -18.33 25.43
C ASP A 445 20.93 -19.11 24.69
N SER A 446 21.35 -18.61 23.52
CA SER A 446 22.42 -19.24 22.76
C SER A 446 23.76 -19.16 23.49
N PRO A 447 24.69 -20.09 23.17
CA PRO A 447 25.98 -20.07 23.86
C PRO A 447 26.73 -18.79 23.57
N CYS A 448 27.35 -18.23 24.62
CA CYS A 448 28.21 -17.08 24.45
C CYS A 448 29.51 -17.43 23.73
N PRO A 463 32.04 -2.17 22.49
CA PRO A 463 31.72 -2.86 23.74
C PRO A 463 30.28 -2.53 24.15
N LEU A 464 29.39 -3.52 24.31
CA LEU A 464 27.97 -3.21 24.39
C LEU A 464 27.56 -3.11 25.85
N LYS A 465 26.92 -2.00 26.20
CA LYS A 465 26.23 -1.86 27.48
C LYS A 465 24.76 -1.60 27.18
N SER A 466 23.87 -2.42 27.70
CA SER A 466 22.44 -2.24 27.47
C SER A 466 21.67 -2.96 28.56
N ALA A 467 20.69 -2.28 29.13
CA ALA A 467 19.80 -2.94 30.08
C ALA A 467 18.83 -3.90 29.38
N THR A 468 18.62 -3.80 28.07
CA THR A 468 17.65 -4.63 27.37
C THR A 468 18.27 -5.79 26.57
N CYS A 469 19.57 -6.06 26.76
CA CYS A 469 20.23 -7.24 26.20
C CYS A 469 20.12 -8.36 27.22
N ILE A 470 19.10 -9.22 27.10
CA ILE A 470 18.80 -10.21 28.14
C ILE A 470 19.50 -11.51 27.75
N THR A 471 20.70 -11.68 28.30
CA THR A 471 21.54 -12.84 28.06
C THR A 471 22.34 -13.19 29.31
N ARG A 472 22.86 -14.41 29.31
CA ARG A 472 23.68 -14.88 30.42
C ARG A 472 24.84 -13.95 30.68
N CYS A 473 25.56 -13.57 29.62
CA CYS A 473 26.74 -12.73 29.77
C CYS A 473 26.41 -11.40 30.45
N ASN A 474 25.35 -10.74 29.99
CA ASN A 474 24.96 -9.48 30.62
C ASN A 474 24.53 -9.70 32.06
N LEU A 475 23.89 -10.83 32.34
CA LEU A 475 23.46 -11.11 33.70
C LEU A 475 24.68 -11.12 34.60
N GLY A 476 25.77 -11.73 34.11
CA GLY A 476 27.05 -11.85 34.78
C GLY A 476 27.98 -10.67 34.70
N GLY A 477 27.59 -9.62 33.99
CA GLY A 477 28.29 -8.36 34.08
C GLY A 477 28.71 -7.72 32.78
N ALA A 478 28.89 -8.51 31.72
CA ALA A 478 29.55 -8.00 30.52
C ALA A 478 29.15 -8.81 29.29
N VAL A 479 28.52 -8.14 28.32
CA VAL A 479 28.01 -8.78 27.11
C VAL A 479 29.16 -9.27 26.23
N CYS A 480 29.19 -10.58 25.95
CA CYS A 480 30.14 -11.13 25.02
C CYS A 480 29.95 -10.55 23.61
N ARG A 481 30.94 -10.76 22.73
CA ARG A 481 30.90 -10.11 21.41
C ARG A 481 29.79 -10.71 20.54
N HIS A 482 29.66 -12.02 20.53
CA HIS A 482 28.60 -12.64 19.75
C HIS A 482 27.24 -12.01 20.07
N HIS A 483 26.85 -11.96 21.36
CA HIS A 483 25.52 -11.41 21.69
C HIS A 483 25.47 -9.90 21.48
N ALA A 484 26.62 -9.22 21.50
CA ALA A 484 26.68 -7.81 21.11
C ALA A 484 26.36 -7.65 19.62
N ASN A 485 26.97 -8.48 18.76
CA ASN A 485 26.66 -8.44 17.34
C ASN A 485 25.17 -8.72 17.09
N GLU A 486 24.67 -9.84 17.62
CA GLU A 486 23.27 -10.24 17.44
C GLU A 486 22.30 -9.22 18.02
N TYR A 487 22.62 -8.60 19.13
CA TYR A 487 21.74 -7.58 19.66
C TYR A 487 21.66 -6.40 18.71
N ARG A 488 22.79 -6.02 18.13
CA ARG A 488 22.80 -4.83 17.29
C ARG A 488 22.08 -5.08 15.98
N LEU A 489 22.26 -6.27 15.41
CA LEU A 489 21.48 -6.68 14.25
C LEU A 489 20.00 -6.74 14.58
N TYR A 490 19.65 -7.26 15.77
CA TYR A 490 18.24 -7.41 16.10
C TYR A 490 17.60 -6.06 16.31
N LEU A 491 18.33 -5.16 16.96
CA LEU A 491 17.86 -3.79 17.10
C LEU A 491 17.59 -3.17 15.74
N ASP A 492 18.47 -3.44 14.78
CA ASP A 492 18.34 -2.84 13.46
C ASP A 492 17.05 -3.32 12.81
N ALA A 493 16.80 -4.63 12.87
CA ALA A 493 15.58 -5.19 12.30
C ALA A 493 14.35 -4.64 13.02
N TYR A 494 14.39 -4.57 14.34
CA TYR A 494 13.27 -4.05 15.13
C TYR A 494 12.88 -2.65 14.67
N ASN A 495 13.89 -1.79 14.52
CA ASN A 495 13.67 -0.42 14.09
C ASN A 495 13.17 -0.36 12.65
N MET A 496 13.67 -1.26 11.81
CA MET A 496 13.18 -1.39 10.45
C MET A 496 11.69 -1.72 10.46
N MET A 497 11.28 -2.60 11.37
CA MET A 497 9.89 -3.02 11.47
C MET A 497 9.01 -1.86 11.94
N ILE A 498 9.44 -1.14 12.96
CA ILE A 498 8.66 -0.01 13.46
C ILE A 498 8.55 1.07 12.38
N SER A 499 9.68 1.43 11.79
CA SER A 499 9.66 2.42 10.71
C SER A 499 8.76 1.98 9.56
N ALA A 500 8.73 0.69 9.25
CA ALA A 500 7.87 0.21 8.18
C ALA A 500 6.38 0.30 8.51
N GLY A 501 6.01 0.67 9.74
CA GLY A 501 4.61 0.86 10.10
C GLY A 501 4.00 -0.17 11.03
N PHE A 502 4.75 -1.15 11.49
CA PHE A 502 4.17 -2.13 12.40
C PHE A 502 4.28 -1.71 13.86
N SER A 503 3.26 -2.08 14.64
CA SER A 503 3.20 -1.79 16.05
C SER A 503 2.90 -3.10 16.77
N LEU A 504 3.49 -3.24 17.95
CA LEU A 504 3.45 -4.46 18.74
C LEU A 504 2.87 -4.14 20.11
N TRP A 505 2.02 -5.04 20.60
CA TRP A 505 1.24 -4.91 21.81
C TRP A 505 1.25 -6.27 22.48
N VAL A 506 1.15 -6.29 23.81
CA VAL A 506 1.28 -7.54 24.57
C VAL A 506 0.38 -7.44 25.80
N TYR A 507 0.05 -8.60 26.37
CA TYR A 507 -0.73 -8.65 27.59
C TYR A 507 -0.02 -7.90 28.72
N LYS A 508 -0.84 -7.32 29.62
CA LYS A 508 -0.32 -6.33 30.58
C LYS A 508 0.67 -6.92 31.60
N GLN A 509 0.63 -8.20 31.89
CA GLN A 509 1.55 -8.79 32.85
C GLN A 509 2.89 -9.11 32.23
N PHE A 510 3.08 -8.86 30.95
CA PHE A 510 4.34 -9.25 30.34
C PHE A 510 5.47 -8.43 30.97
N ASP A 511 6.53 -9.10 31.40
CA ASP A 511 7.59 -8.42 32.17
C ASP A 511 8.91 -9.09 31.82
N THR A 512 9.81 -8.37 31.16
CA THR A 512 11.07 -9.03 30.77
C THR A 512 11.95 -9.39 31.97
N TYR A 513 11.67 -8.82 33.15
CA TYR A 513 12.39 -9.22 34.35
C TYR A 513 12.29 -10.72 34.59
N ASN A 514 11.18 -11.33 34.15
CA ASN A 514 10.97 -12.76 34.32
C ASN A 514 11.88 -13.60 33.44
N LEU A 515 12.50 -13.02 32.43
CA LEU A 515 13.42 -13.78 31.58
C LEU A 515 14.78 -14.01 32.24
N TRP A 516 15.19 -13.22 33.23
CA TRP A 516 16.56 -13.41 33.71
C TRP A 516 16.75 -14.79 34.32
N ASN A 517 15.75 -15.30 35.03
CA ASN A 517 15.86 -16.59 35.68
C ASN A 517 15.74 -17.76 34.72
ZN ZN B . -12.96 6.97 -0.34
ZN ZN C . 26.87 -13.79 25.52
ZN ZN D . 15.97 7.43 -16.65
P PO4 E . 3.62 -0.63 -11.31
O1 PO4 E . 4.53 -0.21 -10.15
O2 PO4 E . 4.46 -0.62 -12.55
O3 PO4 E . 3.09 -2.00 -10.97
O4 PO4 E . 2.51 0.39 -11.40
P PO4 F . 20.82 -15.70 18.72
O1 PO4 F . 22.34 -15.88 18.86
O2 PO4 F . 20.11 -16.28 19.93
O3 PO4 F . 20.43 -14.21 18.64
O4 PO4 F . 20.37 -16.46 17.47
C11 A1BYT G . 1.66 -8.31 4.64
N14 A1BYT G . 7.10 -11.59 6.27
C19 A1BYT G . 5.92 -13.22 10.34
C18 A1BYT G . 5.71 -12.09 9.56
C20 A1BYT G . 6.72 -14.28 9.88
C17 A1BYT G . 6.33 -12.07 8.30
C16 A1BYT G . 7.10 -13.12 7.88
C02 A1BYT G . 5.63 -9.79 7.31
C04 A1BYT G . 5.14 -7.61 6.34
C05 A1BYT G . 3.73 -7.73 5.81
C07 A1BYT G . 1.45 -7.24 5.55
C08 A1BYT G . 0.21 -6.45 5.88
C09 A1BYT G . 0.03 -4.98 6.27
C10 A1BYT G . -0.20 -6.08 7.31
C13 A1BYT G . 6.35 -11.12 7.25
N03 A1BYT G . 5.83 -8.88 6.23
N06 A1BYT G . 2.70 -6.91 6.23
N15 A1BYT G . 7.54 -12.81 6.65
N21 A1BYT G . 7.28 -14.20 8.68
O01 A1BYT G . 4.93 -9.50 8.24
S12 A1BYT G . 3.22 -8.80 4.70
H111 A1BYT G . 0.90 -8.74 4.00
H191 A1BYT G . 5.45 -13.30 11.33
H181 A1BYT G . 5.11 -11.26 9.91
H201 A1BYT G . 6.88 -15.16 10.49
H042 A1BYT G . 5.68 -6.86 5.76
H041 A1BYT G . 5.11 -7.31 7.38
H081 A1BYT G . -0.67 -6.86 5.38
H092 A1BYT G . -0.88 -4.50 5.89
H091 A1BYT G . 0.94 -4.40 6.39
H102 A1BYT G . -1.24 -6.29 7.57
H101 A1BYT G . 0.58 -6.19 8.07
H031 A1BYT G . 6.42 -9.10 5.44
H151 A1BYT G . 8.13 -13.39 6.08
#